data_5ZHT
#
_entry.id   5ZHT
#
_cell.length_a   49.349
_cell.length_b   49.349
_cell.length_c   192.469
_cell.angle_alpha   90.00
_cell.angle_beta   90.00
_cell.angle_gamma   120.00
#
_symmetry.space_group_name_H-M   'P 32 2 1'
#
loop_
_entity.id
_entity.type
_entity.pdbx_description
1 polymer 'Strigolactone esterase D14'
2 non-polymer (1H-1,2,3-triazol-1-yl){4-[4-(trifluoromethyl)phenyl]piperazin-1-yl}methanone
3 water water
#
_entity_poly.entity_id   1
_entity_poly.type   'polypeptide(L)'
_entity_poly.pdbx_seq_one_letter_code
;GPGYQDPNSAKLLQILNVRVVGSGERVVVLSHGFGTDQSAWSRVLPYLTRDHRVVLYDLVCAGSVNPDHFDFRRYDNLDA
YVDDLLAILDALRIPRCAFVGHSVSAMIGILASIRRPDLFAKLVLIGASPRFLNDSDYHGGFELEEIQQVFDAMGANYSA
WATGYAPLAVGADVPAAVQEFSRTLFNMRPDISLHVCQTVFKTDLRGVLGMVRAPCVVVQTTRDVSVPASVAAYLKAHLG
GRTTVEFLQTEGHLPHLSAPSLLAQVLRRALARY
;
_entity_poly.pdbx_strand_id   A
#
loop_
_chem_comp.id
_chem_comp.type
_chem_comp.name
_chem_comp.formula
9GU non-polymer (1H-1,2,3-triazol-1-yl){4-[4-(trifluoromethyl)phenyl]piperazin-1-yl}methanone 'C14 H14 F3 N5 O'
#
# COMPACT_ATOMS: atom_id res chain seq x y z
N ALA A 10 -9.43 -7.81 19.01
CA ALA A 10 -9.56 -9.16 18.49
C ALA A 10 -10.79 -9.30 17.60
N LYS A 11 -11.79 -8.46 17.88
CA LYS A 11 -12.97 -8.34 17.01
C LYS A 11 -12.51 -7.95 15.62
N LEU A 12 -11.43 -7.17 15.58
CA LEU A 12 -10.83 -6.70 14.34
C LEU A 12 -10.37 -7.85 13.44
N LEU A 13 -9.99 -8.97 14.05
CA LEU A 13 -9.43 -10.09 13.29
C LEU A 13 -10.43 -10.66 12.29
N GLN A 14 -11.70 -10.69 12.67
CA GLN A 14 -12.74 -11.14 11.75
C GLN A 14 -13.19 -10.02 10.81
N ILE A 15 -13.30 -8.82 11.35
CA ILE A 15 -13.81 -7.69 10.58
C ILE A 15 -12.91 -7.36 9.39
N LEU A 16 -11.61 -7.42 9.61
CA LEU A 16 -10.64 -7.09 8.57
C LEU A 16 -10.09 -8.33 7.87
N ASN A 17 -10.78 -9.46 8.03
CA ASN A 17 -10.48 -10.70 7.29
C ASN A 17 -9.03 -11.15 7.42
N VAL A 18 -8.51 -11.12 8.64
CA VAL A 18 -7.12 -11.47 8.91
C VAL A 18 -6.87 -12.95 8.65
N ARG A 19 -5.83 -13.23 7.89
CA ARG A 19 -5.41 -14.60 7.63
C ARG A 19 -3.92 -14.73 7.88
N VAL A 20 -3.51 -15.81 8.51
CA VAL A 20 -2.11 -16.09 8.73
C VAL A 20 -1.75 -17.41 8.07
N VAL A 21 -0.82 -17.36 7.15
CA VAL A 21 -0.40 -18.56 6.42
C VAL A 21 1.11 -18.70 6.44
N GLY A 22 1.61 -19.87 6.08
CA GLY A 22 3.03 -20.11 6.08
C GLY A 22 3.53 -20.56 7.43
N SER A 23 4.85 -20.69 7.56
CA SER A 23 5.43 -21.25 8.77
C SER A 23 6.75 -20.60 9.12
N GLY A 24 7.06 -20.52 10.42
CA GLY A 24 8.38 -20.11 10.85
C GLY A 24 8.43 -19.00 11.86
N GLU A 25 9.65 -18.65 12.26
CA GLU A 25 9.91 -17.56 13.19
C GLU A 25 9.60 -16.20 12.57
N ARG A 26 10.05 -16.00 11.34
CA ARG A 26 9.98 -14.71 10.67
C ARG A 26 8.56 -14.37 10.21
N VAL A 27 8.03 -13.27 10.72
CA VAL A 27 6.71 -12.80 10.34
C VAL A 27 6.80 -11.70 9.29
N VAL A 28 5.93 -11.80 8.28
CA VAL A 28 5.81 -10.76 7.26
C VAL A 28 4.35 -10.35 7.12
N VAL A 29 4.09 -9.05 7.24
CA VAL A 29 2.75 -8.52 7.02
C VAL A 29 2.64 -7.98 5.59
N LEU A 30 1.58 -8.36 4.89
CA LEU A 30 1.29 -7.82 3.57
C LEU A 30 0.05 -6.92 3.66
N SER A 31 0.21 -5.67 3.26
CA SER A 31 -0.83 -4.65 3.44
C SER A 31 -1.10 -3.99 2.09
N HIS A 32 -2.33 -4.12 1.60
CA HIS A 32 -2.65 -3.75 0.23
C HIS A 32 -2.95 -2.26 0.09
N GLY A 33 -3.10 -1.81 -1.16
CA GLY A 33 -3.37 -0.42 -1.42
C GLY A 33 -4.79 -0.18 -1.90
N PHE A 34 -5.03 1.03 -2.41
CA PHE A 34 -6.37 1.44 -2.83
C PHE A 34 -6.89 0.62 -3.99
N GLY A 35 -8.12 0.14 -3.85
CA GLY A 35 -8.79 -0.47 -4.99
C GLY A 35 -8.67 -1.98 -5.07
N THR A 36 -7.90 -2.57 -4.16
CA THR A 36 -7.80 -4.02 -4.06
C THR A 36 -8.14 -4.48 -2.65
N ASP A 37 -8.06 -5.79 -2.44
CA ASP A 37 -8.04 -6.35 -1.09
C ASP A 37 -6.82 -7.25 -0.99
N GLN A 38 -6.77 -8.10 0.03
CA GLN A 38 -5.59 -8.92 0.27
C GLN A 38 -5.35 -9.95 -0.82
N SER A 39 -6.37 -10.20 -1.65
CA SER A 39 -6.24 -11.18 -2.72
C SER A 39 -5.23 -10.72 -3.78
N ALA A 40 -4.90 -9.43 -3.77
CA ALA A 40 -3.92 -8.90 -4.72
C ALA A 40 -2.54 -9.54 -4.52
N TRP A 41 -2.32 -10.08 -3.32
CA TRP A 41 -1.04 -10.69 -2.95
C TRP A 41 -0.96 -12.18 -3.32
N SER A 42 -2.04 -12.72 -3.86
CA SER A 42 -2.18 -14.18 -3.98
C SER A 42 -1.06 -14.84 -4.78
N ARG A 43 -0.56 -14.14 -5.80
CA ARG A 43 0.41 -14.76 -6.70
C ARG A 43 1.85 -14.66 -6.21
N VAL A 44 2.17 -13.65 -5.39
CA VAL A 44 3.51 -13.58 -4.82
C VAL A 44 3.57 -14.39 -3.53
N LEU A 45 2.40 -14.66 -2.95
CA LEU A 45 2.30 -15.34 -1.66
C LEU A 45 3.05 -16.70 -1.56
N PRO A 46 2.95 -17.57 -2.57
CA PRO A 46 3.68 -18.86 -2.45
C PRO A 46 5.20 -18.74 -2.35
N TYR A 47 5.78 -17.62 -2.74
CA TYR A 47 7.22 -17.43 -2.65
C TYR A 47 7.67 -17.09 -1.24
N LEU A 48 6.71 -16.83 -0.36
CA LEU A 48 7.02 -16.36 0.98
C LEU A 48 6.65 -17.36 2.08
N THR A 49 5.69 -18.24 1.81
CA THR A 49 5.07 -19.02 2.87
C THR A 49 5.87 -20.24 3.33
N ARG A 50 6.89 -20.64 2.57
CA ARG A 50 7.76 -21.72 3.05
C ARG A 50 8.74 -21.19 4.09
N ASP A 51 9.11 -19.92 3.94
CA ASP A 51 10.15 -19.31 4.76
C ASP A 51 9.60 -18.38 5.83
N HIS A 52 8.35 -17.97 5.69
CA HIS A 52 7.79 -16.95 6.59
C HIS A 52 6.39 -17.27 7.06
N ARG A 53 6.05 -16.71 8.21
CA ARG A 53 4.68 -16.64 8.67
C ARG A 53 4.09 -15.34 8.12
N VAL A 54 3.17 -15.46 7.17
CA VAL A 54 2.65 -14.28 6.46
C VAL A 54 1.27 -13.86 6.99
N VAL A 55 1.18 -12.60 7.41
CA VAL A 55 -0.07 -12.03 7.88
C VAL A 55 -0.71 -11.18 6.79
N LEU A 56 -1.93 -11.55 6.39
CA LEU A 56 -2.69 -10.76 5.43
C LEU A 56 -3.92 -10.18 6.09
N TYR A 57 -4.32 -8.99 5.67
CA TYR A 57 -5.57 -8.41 6.14
C TYR A 57 -6.10 -7.41 5.11
N ASP A 58 -7.37 -7.06 5.23
CA ASP A 58 -7.96 -6.03 4.38
C ASP A 58 -8.04 -4.71 5.12
N LEU A 59 -7.68 -3.63 4.44
CA LEU A 59 -7.96 -2.30 4.96
C LEU A 59 -9.46 -2.18 5.14
N VAL A 60 -9.88 -1.35 6.10
CA VAL A 60 -11.30 -1.19 6.41
C VAL A 60 -12.10 -0.73 5.19
N CYS A 61 -11.42 -0.10 4.23
CA CYS A 61 -12.09 0.44 3.05
C CYS A 61 -12.24 -0.56 1.90
N ALA A 62 -11.69 -1.75 2.06
CA ALA A 62 -11.79 -2.76 1.01
C ALA A 62 -13.24 -3.19 0.83
N GLY A 63 -13.64 -3.48 -0.40
CA GLY A 63 -14.98 -3.95 -0.68
C GLY A 63 -15.31 -5.25 0.02
N SER A 64 -14.27 -5.98 0.40
CA SER A 64 -14.41 -7.27 1.07
C SER A 64 -14.68 -7.13 2.56
N VAL A 65 -14.67 -5.89 3.04
CA VAL A 65 -15.00 -5.60 4.43
C VAL A 65 -16.42 -5.05 4.48
N ASN A 66 -17.19 -5.48 5.47
CA ASN A 66 -18.54 -4.98 5.66
C ASN A 66 -18.51 -3.45 5.76
N PRO A 67 -19.20 -2.78 4.83
CA PRO A 67 -19.24 -1.31 4.81
C PRO A 67 -19.82 -0.71 6.10
N ASP A 68 -20.55 -1.52 6.86
CA ASP A 68 -21.05 -1.14 8.18
C ASP A 68 -19.94 -0.65 9.10
N HIS A 69 -18.71 -1.11 8.85
CA HIS A 69 -17.60 -0.79 9.72
C HIS A 69 -16.84 0.48 9.32
N PHE A 70 -17.18 1.05 8.16
CA PHE A 70 -16.43 2.23 7.74
C PHE A 70 -16.94 3.52 8.38
N ASP A 71 -16.20 3.97 9.38
CA ASP A 71 -16.51 5.19 10.12
C ASP A 71 -15.81 6.38 9.47
N PHE A 72 -16.55 7.17 8.70
CA PHE A 72 -15.99 8.28 7.93
C PHE A 72 -15.21 9.28 8.77
N ARG A 73 -15.73 9.58 9.96
CA ARG A 73 -15.08 10.54 10.84
C ARG A 73 -13.83 9.97 11.49
N ARG A 74 -13.88 8.68 11.85
CA ARG A 74 -12.70 8.03 12.43
C ARG A 74 -11.56 7.88 11.41
N TYR A 75 -11.91 7.41 10.21
CA TYR A 75 -10.90 7.12 9.19
C TYR A 75 -10.62 8.34 8.33
N ASP A 76 -10.68 9.51 8.94
CA ASP A 76 -10.43 10.79 8.30
C ASP A 76 -8.94 11.07 8.15
N ASN A 77 -8.12 10.22 8.74
CA ASN A 77 -6.68 10.36 8.67
C ASN A 77 -6.03 8.98 8.69
N LEU A 78 -4.79 8.89 8.23
CA LEU A 78 -4.13 7.59 8.15
C LEU A 78 -3.78 7.00 9.51
N ASP A 79 -3.71 7.84 10.55
CA ASP A 79 -3.40 7.31 11.88
C ASP A 79 -4.45 6.29 12.35
N ALA A 80 -5.69 6.44 11.90
CA ALA A 80 -6.74 5.48 12.23
C ALA A 80 -6.47 4.12 11.61
N TYR A 81 -5.94 4.12 10.40
CA TYR A 81 -5.55 2.88 9.73
C TYR A 81 -4.36 2.24 10.44
N VAL A 82 -3.43 3.07 10.90
CA VAL A 82 -2.28 2.60 11.67
C VAL A 82 -2.75 1.90 12.94
N ASP A 83 -3.72 2.51 13.61
CA ASP A 83 -4.31 1.93 14.83
C ASP A 83 -4.79 0.50 14.58
N ASP A 84 -5.45 0.28 13.45
CA ASP A 84 -5.94 -1.04 13.06
C ASP A 84 -4.80 -2.03 12.90
N LEU A 85 -3.77 -1.61 12.16
CA LEU A 85 -2.60 -2.47 11.95
C LEU A 85 -1.96 -2.89 13.26
N LEU A 86 -1.72 -1.91 14.14
CA LEU A 86 -1.09 -2.19 15.42
C LEU A 86 -1.99 -3.06 16.30
N ALA A 87 -3.29 -2.85 16.20
CA ALA A 87 -4.24 -3.65 16.99
C ALA A 87 -4.23 -5.11 16.53
N ILE A 88 -4.14 -5.33 15.22
CA ILE A 88 -4.08 -6.68 14.69
C ILE A 88 -2.83 -7.41 15.17
N LEU A 89 -1.68 -6.76 15.06
CA LEU A 89 -0.42 -7.36 15.47
C LEU A 89 -0.40 -7.61 16.99
N ASP A 90 -0.96 -6.68 17.76
CA ASP A 90 -1.06 -6.86 19.21
C ASP A 90 -1.99 -8.03 19.58
N ALA A 91 -3.11 -8.15 18.87
CA ALA A 91 -4.06 -9.22 19.13
C ALA A 91 -3.47 -10.59 18.76
N LEU A 92 -2.56 -10.60 17.79
CA LEU A 92 -1.90 -11.82 17.37
C LEU A 92 -0.65 -12.09 18.21
N ARG A 93 -0.35 -11.17 19.11
CA ARG A 93 0.83 -11.26 19.98
C ARG A 93 2.12 -11.40 19.17
N ILE A 94 2.27 -10.52 18.18
CA ILE A 94 3.47 -10.46 17.34
C ILE A 94 4.28 -9.22 17.67
N PRO A 95 5.46 -9.39 18.29
CA PRO A 95 6.26 -8.26 18.71
C PRO A 95 7.29 -7.79 17.67
N ARG A 96 7.46 -8.55 16.59
CA ARG A 96 8.45 -8.20 15.58
C ARG A 96 8.06 -8.77 14.22
N CYS A 97 8.15 -7.92 13.19
CA CYS A 97 7.79 -8.37 11.84
C CYS A 97 8.46 -7.53 10.77
N ALA A 98 8.43 -8.05 9.55
CA ALA A 98 8.69 -7.24 8.36
C ALA A 98 7.33 -6.80 7.81
N PHE A 99 7.29 -5.64 7.18
CA PHE A 99 6.03 -5.09 6.68
C PHE A 99 6.16 -4.70 5.21
N VAL A 100 5.27 -5.23 4.39
CA VAL A 100 5.21 -4.88 2.97
C VAL A 100 3.93 -4.09 2.72
N GLY A 101 4.07 -2.87 2.24
CA GLY A 101 2.92 -2.01 2.04
C GLY A 101 2.87 -1.41 0.66
N HIS A 102 1.68 -1.42 0.07
CA HIS A 102 1.46 -0.83 -1.25
C HIS A 102 0.66 0.45 -1.13
N SER A 103 1.14 1.51 -1.79
CA SER A 103 0.43 2.79 -1.89
C SER A 103 0.07 3.36 -0.51
N VAL A 104 -1.22 3.46 -0.19
CA VAL A 104 -1.63 3.99 1.11
C VAL A 104 -1.01 3.18 2.25
N SER A 105 -0.82 1.87 2.04
CA SER A 105 -0.20 1.03 3.06
C SER A 105 1.30 1.30 3.26
N ALA A 106 1.95 1.89 2.26
CA ALA A 106 3.33 2.32 2.45
C ALA A 106 3.38 3.49 3.45
N MET A 107 2.42 4.39 3.32
CA MET A 107 2.28 5.49 4.28
C MET A 107 1.94 4.97 5.68
N ILE A 108 1.02 4.02 5.73
CA ILE A 108 0.64 3.38 6.98
C ILE A 108 1.87 2.73 7.64
N GLY A 109 2.67 2.05 6.84
CA GLY A 109 3.87 1.41 7.34
C GLY A 109 4.89 2.39 7.90
N ILE A 110 5.09 3.49 7.20
CA ILE A 110 6.01 4.52 7.66
C ILE A 110 5.56 5.08 9.01
N LEU A 111 4.28 5.43 9.11
CA LEU A 111 3.73 5.95 10.36
C LEU A 111 3.84 4.93 11.49
N ALA A 112 3.56 3.67 11.19
CA ALA A 112 3.57 2.62 12.19
C ALA A 112 4.96 2.36 12.73
N SER A 113 5.97 2.47 11.87
CA SER A 113 7.36 2.21 12.28
C SER A 113 7.88 3.34 13.17
N ILE A 114 7.31 4.54 13.01
CA ILE A 114 7.65 5.65 13.88
C ILE A 114 6.96 5.49 15.23
N ARG A 115 5.70 5.07 15.18
CA ARG A 115 4.92 4.78 16.39
C ARG A 115 5.57 3.68 17.23
N ARG A 116 5.99 2.61 16.56
CA ARG A 116 6.52 1.41 17.24
C ARG A 116 7.79 0.88 16.56
N PRO A 117 8.93 1.55 16.80
CA PRO A 117 10.20 1.23 16.12
C PRO A 117 10.66 -0.22 16.29
N ASP A 118 10.45 -0.79 17.47
CA ASP A 118 10.91 -2.14 17.76
C ASP A 118 10.07 -3.20 17.08
N LEU A 119 8.85 -2.83 16.68
CA LEU A 119 7.91 -3.78 16.09
C LEU A 119 8.24 -4.07 14.61
N PHE A 120 8.74 -3.07 13.90
CA PHE A 120 8.99 -3.24 12.47
C PHE A 120 10.48 -3.35 12.16
N ALA A 121 10.90 -4.58 11.90
CA ALA A 121 12.31 -4.89 11.65
C ALA A 121 12.75 -4.46 10.26
N LYS A 122 11.78 -4.30 9.36
CA LYS A 122 12.06 -3.92 7.98
C LYS A 122 10.77 -3.50 7.28
N LEU A 123 10.88 -2.50 6.41
CA LEU A 123 9.78 -2.07 5.57
C LEU A 123 10.08 -2.32 4.10
N VAL A 124 9.07 -2.81 3.37
CA VAL A 124 9.18 -2.86 1.92
C VAL A 124 8.05 -2.02 1.34
N LEU A 125 8.40 -0.99 0.58
CA LEU A 125 7.41 -0.02 0.11
C LEU A 125 7.22 -0.12 -1.40
N ILE A 126 5.99 -0.35 -1.81
CA ILE A 126 5.62 -0.55 -3.22
C ILE A 126 4.59 0.51 -3.63
N GLY A 127 4.70 1.03 -4.85
CA GLY A 127 3.82 2.09 -5.31
C GLY A 127 3.79 3.22 -4.30
N ALA A 128 4.98 3.59 -3.81
CA ALA A 128 5.10 4.38 -2.58
C ALA A 128 5.46 5.83 -2.79
N SER A 129 4.85 6.68 -1.97
CA SER A 129 5.13 8.12 -1.98
C SER A 129 4.82 8.73 -0.62
N PRO A 130 5.61 9.73 -0.21
CA PRO A 130 5.27 10.43 1.05
C PRO A 130 4.24 11.54 0.83
N ARG A 131 3.98 11.86 -0.43
CA ARG A 131 3.06 12.93 -0.79
C ARG A 131 2.74 12.86 -2.28
N PHE A 132 1.47 12.71 -2.62
CA PHE A 132 1.09 12.55 -4.03
C PHE A 132 0.81 13.87 -4.75
N LEU A 133 0.61 14.95 -4.00
CA LEU A 133 0.44 16.28 -4.59
C LEU A 133 1.77 16.97 -4.81
N ASN A 134 1.87 17.77 -5.87
CA ASN A 134 3.04 18.60 -6.08
C ASN A 134 3.14 19.66 -5.00
N ASP A 135 4.36 20.12 -4.75
CA ASP A 135 4.60 21.28 -3.90
C ASP A 135 5.78 22.00 -4.54
N SER A 136 6.09 23.21 -4.08
CA SER A 136 7.19 23.97 -4.66
C SER A 136 8.47 23.14 -4.69
N ASP A 137 8.92 22.82 -5.91
CA ASP A 137 10.10 22.00 -6.20
C ASP A 137 9.91 20.51 -5.92
N TYR A 138 8.86 20.14 -5.19
CA TYR A 138 8.57 18.73 -4.95
C TYR A 138 7.58 18.20 -5.97
N HIS A 139 7.97 17.16 -6.70
CA HIS A 139 7.10 16.55 -7.70
C HIS A 139 6.41 15.31 -7.15
N GLY A 140 5.13 15.46 -6.84
CA GLY A 140 4.34 14.35 -6.31
C GLY A 140 3.61 13.61 -7.41
N GLY A 141 3.28 14.32 -8.49
CA GLY A 141 2.62 13.69 -9.62
C GLY A 141 1.31 14.34 -10.04
N PHE A 142 0.68 15.04 -9.11
CA PHE A 142 -0.61 15.68 -9.35
C PHE A 142 -0.68 17.09 -8.79
N GLU A 143 -1.22 18.02 -9.57
CA GLU A 143 -1.61 19.32 -9.07
C GLU A 143 -2.94 19.19 -8.35
N LEU A 144 -3.22 20.11 -7.44
CA LEU A 144 -4.51 20.13 -6.74
C LEU A 144 -5.66 20.08 -7.74
N GLU A 145 -5.60 20.91 -8.77
CA GLU A 145 -6.65 20.98 -9.79
C GLU A 145 -6.85 19.65 -10.51
N GLU A 146 -5.76 18.95 -10.77
CA GLU A 146 -5.84 17.66 -11.44
C GLU A 146 -6.62 16.63 -10.63
N ILE A 147 -6.28 16.49 -9.36
CA ILE A 147 -6.94 15.48 -8.55
C ILE A 147 -8.36 15.91 -8.22
N GLN A 148 -8.62 17.22 -8.17
CA GLN A 148 -9.97 17.71 -7.93
C GLN A 148 -10.88 17.36 -9.10
N GLN A 149 -10.32 17.41 -10.31
CA GLN A 149 -11.04 16.97 -11.50
C GLN A 149 -11.37 15.48 -11.41
N VAL A 150 -10.42 14.70 -10.87
CA VAL A 150 -10.62 13.27 -10.68
C VAL A 150 -11.72 13.00 -9.66
N PHE A 151 -11.68 13.73 -8.55
CA PHE A 151 -12.68 13.57 -7.50
C PHE A 151 -14.07 13.94 -8.01
N ASP A 152 -14.14 14.98 -8.84
CA ASP A 152 -15.40 15.34 -9.50
C ASP A 152 -15.95 14.16 -10.29
N ALA A 153 -15.08 13.50 -11.04
CA ALA A 153 -15.49 12.39 -11.90
C ALA A 153 -15.91 11.17 -11.08
N MET A 154 -15.16 10.88 -10.02
CA MET A 154 -15.50 9.77 -9.12
C MET A 154 -16.90 9.97 -8.54
N GLY A 155 -17.23 11.22 -8.22
CA GLY A 155 -18.50 11.54 -7.60
C GLY A 155 -19.66 11.55 -8.57
N ALA A 156 -19.40 11.95 -9.81
CA ALA A 156 -20.45 12.06 -10.82
C ALA A 156 -20.86 10.71 -11.37
N ASN A 157 -19.86 9.86 -11.61
CA ASN A 157 -20.09 8.55 -12.21
C ASN A 157 -18.93 7.63 -11.86
N TYR A 158 -19.09 6.87 -10.78
CA TYR A 158 -18.01 6.02 -10.28
C TYR A 158 -17.61 4.95 -11.27
N SER A 159 -18.60 4.32 -11.91
CA SER A 159 -18.35 3.25 -12.85
C SER A 159 -17.53 3.74 -14.04
N ALA A 160 -17.90 4.89 -14.57
CA ALA A 160 -17.19 5.48 -15.70
C ALA A 160 -15.77 5.85 -15.29
N TRP A 161 -15.63 6.44 -14.11
CA TRP A 161 -14.29 6.79 -13.62
C TRP A 161 -13.42 5.55 -13.45
N ALA A 162 -13.98 4.52 -12.82
CA ALA A 162 -13.23 3.30 -12.51
C ALA A 162 -12.72 2.60 -13.76
N THR A 163 -13.58 2.54 -14.78
CA THR A 163 -13.22 1.91 -16.04
C THR A 163 -12.04 2.64 -16.69
N GLY A 164 -11.99 3.95 -16.53
CA GLY A 164 -10.93 4.75 -17.10
C GLY A 164 -9.63 4.67 -16.32
N TYR A 165 -9.73 4.54 -15.01
CA TYR A 165 -8.55 4.54 -14.15
C TYR A 165 -7.81 3.20 -14.14
N ALA A 166 -8.55 2.10 -14.18
CA ALA A 166 -7.94 0.78 -14.05
C ALA A 166 -6.77 0.52 -15.02
N PRO A 167 -6.93 0.83 -16.32
CA PRO A 167 -5.76 0.55 -17.17
C PRO A 167 -4.58 1.50 -16.95
N LEU A 168 -4.86 2.72 -16.48
CA LEU A 168 -3.78 3.66 -16.18
C LEU A 168 -2.96 3.17 -15.00
N ALA A 169 -3.65 2.65 -13.98
CA ALA A 169 -3.00 2.14 -12.78
C ALA A 169 -2.15 0.92 -13.11
N VAL A 170 -2.71 -0.01 -13.88
CA VAL A 170 -1.97 -1.17 -14.29
C VAL A 170 -0.80 -0.74 -15.19
N GLY A 171 -1.05 0.24 -16.05
CA GLY A 171 0.01 0.85 -16.84
C GLY A 171 0.44 0.02 -18.03
N ALA A 172 1.09 -1.11 -17.75
CA ALA A 172 1.43 -2.06 -18.82
C ALA A 172 0.16 -2.62 -19.44
N ASP A 173 0.26 -3.00 -20.71
CA ASP A 173 -0.88 -3.59 -21.40
C ASP A 173 -1.06 -5.05 -20.99
N VAL A 174 -1.59 -5.26 -19.79
CA VAL A 174 -1.87 -6.59 -19.30
C VAL A 174 -3.35 -6.70 -18.94
N PRO A 175 -4.19 -7.05 -19.93
CA PRO A 175 -5.65 -7.12 -19.80
C PRO A 175 -6.14 -7.88 -18.58
N ALA A 176 -5.47 -8.96 -18.22
CA ALA A 176 -5.88 -9.78 -17.08
C ALA A 176 -5.76 -9.02 -15.76
N ALA A 177 -4.72 -8.20 -15.66
CA ALA A 177 -4.50 -7.40 -14.46
C ALA A 177 -5.49 -6.24 -14.40
N VAL A 178 -5.76 -5.63 -15.55
CA VAL A 178 -6.77 -4.58 -15.63
C VAL A 178 -8.12 -5.13 -15.20
N GLN A 179 -8.44 -6.32 -15.68
CA GLN A 179 -9.70 -6.98 -15.32
C GLN A 179 -9.77 -7.28 -13.82
N GLU A 180 -8.67 -7.82 -13.29
CA GLU A 180 -8.64 -8.17 -11.88
C GLU A 180 -8.69 -6.93 -10.98
N PHE A 181 -7.94 -5.90 -11.34
CA PHE A 181 -7.96 -4.66 -10.57
C PHE A 181 -9.34 -4.00 -10.63
N SER A 182 -9.94 -4.01 -11.82
CA SER A 182 -11.27 -3.45 -11.99
C SER A 182 -12.29 -4.18 -11.12
N ARG A 183 -12.11 -5.49 -10.97
CA ARG A 183 -13.03 -6.30 -10.16
C ARG A 183 -13.15 -5.79 -8.72
N THR A 184 -12.02 -5.55 -8.08
CA THR A 184 -12.03 -5.12 -6.69
C THR A 184 -12.32 -3.63 -6.56
N LEU A 185 -11.95 -2.88 -7.59
CA LEU A 185 -12.22 -1.45 -7.63
C LEU A 185 -13.73 -1.23 -7.65
N PHE A 186 -14.44 -2.03 -8.43
CA PHE A 186 -15.89 -1.95 -8.51
C PHE A 186 -16.60 -2.52 -7.28
N ASN A 187 -15.88 -3.26 -6.46
CA ASN A 187 -16.45 -3.82 -5.23
C ASN A 187 -16.51 -2.80 -4.09
N MET A 188 -15.83 -1.66 -4.27
CA MET A 188 -15.83 -0.62 -3.26
C MET A 188 -17.09 0.24 -3.36
N ARG A 189 -17.63 0.64 -2.22
CA ARG A 189 -18.72 1.60 -2.25
C ARG A 189 -18.13 2.94 -2.68
N PRO A 190 -18.74 3.59 -3.68
CA PRO A 190 -18.19 4.80 -4.31
C PRO A 190 -17.85 5.91 -3.32
N ASP A 191 -18.66 6.11 -2.28
CA ASP A 191 -18.40 7.18 -1.33
C ASP A 191 -17.19 6.85 -0.45
N ILE A 192 -17.00 5.58 -0.14
CA ILE A 192 -15.85 5.15 0.64
C ILE A 192 -14.60 5.29 -0.22
N SER A 193 -14.72 4.90 -1.48
CA SER A 193 -13.63 5.03 -2.45
C SER A 193 -13.13 6.47 -2.55
N LEU A 194 -14.06 7.41 -2.72
CA LEU A 194 -13.70 8.83 -2.78
C LEU A 194 -13.03 9.28 -1.49
N HIS A 195 -13.59 8.86 -0.36
CA HIS A 195 -13.11 9.29 0.95
C HIS A 195 -11.66 8.86 1.18
N VAL A 196 -11.35 7.61 0.90
CA VAL A 196 -9.99 7.11 1.10
C VAL A 196 -9.01 7.83 0.19
N CYS A 197 -9.40 8.06 -1.06
CA CYS A 197 -8.55 8.79 -1.98
C CYS A 197 -8.27 10.19 -1.47
N GLN A 198 -9.32 10.86 -0.99
CA GLN A 198 -9.13 12.20 -0.42
C GLN A 198 -8.19 12.18 0.78
N THR A 199 -8.36 11.18 1.64
CA THR A 199 -7.50 11.03 2.82
C THR A 199 -6.04 10.86 2.41
N VAL A 200 -5.80 10.03 1.40
CA VAL A 200 -4.44 9.81 0.92
C VAL A 200 -3.85 11.09 0.34
N PHE A 201 -4.64 11.82 -0.44
CA PHE A 201 -4.10 13.01 -1.10
C PHE A 201 -3.97 14.21 -0.18
N LYS A 202 -4.48 14.12 1.04
CA LYS A 202 -4.23 15.20 1.99
C LYS A 202 -3.13 14.81 2.99
N THR A 203 -2.54 13.64 2.79
CA THR A 203 -1.45 13.16 3.64
C THR A 203 -0.09 13.63 3.12
N ASP A 204 0.78 14.06 4.03
CA ASP A 204 2.11 14.52 3.67
C ASP A 204 3.10 14.07 4.76
N LEU A 205 3.88 13.05 4.46
CA LEU A 205 4.79 12.44 5.43
C LEU A 205 6.23 12.93 5.29
N ARG A 206 6.47 13.90 4.41
CA ARG A 206 7.83 14.35 4.15
C ARG A 206 8.52 14.79 5.44
N GLY A 207 7.77 15.47 6.30
CA GLY A 207 8.31 16.00 7.54
C GLY A 207 8.81 14.95 8.52
N VAL A 208 8.31 13.73 8.40
CA VAL A 208 8.64 12.70 9.39
C VAL A 208 9.46 11.52 8.85
N LEU A 209 9.82 11.56 7.57
CA LEU A 209 10.62 10.47 6.98
C LEU A 209 11.92 10.28 7.75
N GLY A 210 12.49 11.38 8.24
CA GLY A 210 13.74 11.34 8.95
C GLY A 210 13.66 10.65 10.29
N MET A 211 12.44 10.45 10.79
CA MET A 211 12.22 9.81 12.08
C MET A 211 12.22 8.29 11.98
N VAL A 212 12.04 7.77 10.77
CA VAL A 212 12.05 6.32 10.55
C VAL A 212 13.45 5.78 10.84
N ARG A 213 13.52 4.62 11.51
CA ARG A 213 14.81 4.01 11.80
C ARG A 213 14.93 2.60 11.24
N ALA A 214 13.80 2.04 10.81
CA ALA A 214 13.81 0.70 10.23
C ALA A 214 14.48 0.71 8.85
N PRO A 215 15.23 -0.35 8.53
CA PRO A 215 15.74 -0.52 7.18
C PRO A 215 14.58 -0.63 6.20
N CYS A 216 14.79 -0.14 4.98
CA CYS A 216 13.68 -0.01 4.06
C CYS A 216 14.08 -0.33 2.64
N VAL A 217 13.24 -1.09 1.95
CA VAL A 217 13.41 -1.31 0.52
C VAL A 217 12.27 -0.61 -0.20
N VAL A 218 12.63 0.26 -1.14
CA VAL A 218 11.66 0.94 -1.98
C VAL A 218 11.65 0.29 -3.34
N VAL A 219 10.50 -0.24 -3.75
CA VAL A 219 10.39 -0.89 -5.05
C VAL A 219 9.93 0.09 -6.12
N GLN A 220 10.78 0.32 -7.12
CA GLN A 220 10.46 1.26 -8.18
C GLN A 220 10.21 0.55 -9.49
N THR A 221 9.10 0.88 -10.15
CA THR A 221 8.85 0.41 -11.50
C THR A 221 9.30 1.48 -12.51
N THR A 222 9.23 1.18 -13.80
CA THR A 222 9.73 2.11 -14.82
C THR A 222 8.86 3.34 -15.01
N ARG A 223 7.56 3.17 -14.77
CA ARG A 223 6.60 4.27 -14.89
C ARG A 223 5.38 3.95 -14.02
N ASP A 224 4.92 4.95 -13.30
CA ASP A 224 3.79 4.82 -12.38
C ASP A 224 3.01 6.11 -12.49
N VAL A 225 1.75 6.00 -12.91
CA VAL A 225 0.89 7.16 -13.12
C VAL A 225 0.75 8.02 -11.86
N SER A 226 0.99 7.42 -10.69
CA SER A 226 0.83 8.13 -9.41
C SER A 226 2.14 8.39 -8.69
N VAL A 227 3.24 7.82 -9.19
CA VAL A 227 4.54 7.95 -8.52
C VAL A 227 5.65 8.30 -9.51
N PRO A 228 6.03 9.59 -9.57
CA PRO A 228 7.14 10.01 -10.43
C PRO A 228 8.42 9.25 -10.13
N ALA A 229 9.29 9.08 -11.12
CA ALA A 229 10.53 8.34 -10.96
C ALA A 229 11.43 8.92 -9.87
N SER A 230 11.28 10.22 -9.61
CA SER A 230 12.11 10.92 -8.64
C SER A 230 11.74 10.65 -7.18
N VAL A 231 10.56 10.05 -6.95
CA VAL A 231 10.10 9.87 -5.58
C VAL A 231 10.96 8.84 -4.84
N ALA A 232 11.38 7.77 -5.52
CA ALA A 232 12.17 6.74 -4.87
C ALA A 232 13.47 7.28 -4.30
N ALA A 233 14.17 8.10 -5.09
CA ALA A 233 15.42 8.68 -4.62
C ALA A 233 15.17 9.68 -3.49
N TYR A 234 14.04 10.38 -3.55
CA TYR A 234 13.65 11.29 -2.49
C TYR A 234 13.45 10.51 -1.19
N LEU A 235 12.79 9.36 -1.29
CA LEU A 235 12.60 8.52 -0.11
C LEU A 235 13.93 8.03 0.44
N LYS A 236 14.81 7.57 -0.46
CA LYS A 236 16.14 7.11 -0.06
C LYS A 236 16.94 8.22 0.61
N ALA A 237 16.82 9.44 0.10
CA ALA A 237 17.57 10.57 0.65
C ALA A 237 17.09 11.01 2.03
N HIS A 238 15.79 10.86 2.29
CA HIS A 238 15.23 11.51 3.47
C HIS A 238 14.75 10.54 4.57
N LEU A 239 14.58 9.26 4.24
CA LEU A 239 14.28 8.27 5.27
C LEU A 239 15.47 8.13 6.22
N GLY A 240 15.19 7.96 7.52
CA GLY A 240 16.23 7.97 8.52
C GLY A 240 16.87 6.63 8.84
N GLY A 241 16.45 5.58 8.13
CA GLY A 241 17.06 4.27 8.27
C GLY A 241 17.90 3.94 7.05
N ARG A 242 18.37 2.70 6.97
CA ARG A 242 19.10 2.23 5.81
C ARG A 242 18.12 1.91 4.68
N THR A 243 18.21 2.66 3.59
CA THR A 243 17.23 2.54 2.51
C THR A 243 17.88 2.14 1.19
N THR A 244 17.30 1.13 0.54
CA THR A 244 17.76 0.68 -0.76
C THR A 244 16.61 0.75 -1.76
N VAL A 245 16.90 1.25 -2.96
CA VAL A 245 15.90 1.24 -4.01
C VAL A 245 16.13 0.01 -4.88
N GLU A 246 15.07 -0.78 -5.07
CA GLU A 246 15.10 -1.92 -5.96
C GLU A 246 14.38 -1.55 -7.23
N PHE A 247 15.00 -1.81 -8.38
CA PHE A 247 14.43 -1.40 -9.65
C PHE A 247 13.77 -2.55 -10.36
N LEU A 248 12.46 -2.43 -10.52
CA LEU A 248 11.65 -3.47 -11.16
C LEU A 248 11.45 -3.12 -12.62
N GLN A 249 11.88 -4.03 -13.49
CA GLN A 249 11.86 -3.79 -14.92
C GLN A 249 10.49 -4.06 -15.53
N THR A 250 9.53 -3.20 -15.19
CA THR A 250 8.15 -3.35 -15.66
C THR A 250 7.39 -2.04 -15.44
N GLU A 251 6.32 -1.81 -16.20
CA GLU A 251 5.57 -0.56 -16.10
C GLU A 251 4.32 -0.70 -15.23
N GLY A 252 4.04 0.32 -14.41
CA GLY A 252 2.78 0.37 -13.69
C GLY A 252 2.87 0.55 -12.19
N HIS A 253 1.69 0.75 -11.60
CA HIS A 253 1.53 1.02 -10.18
C HIS A 253 1.26 -0.25 -9.37
N LEU A 254 0.89 -1.34 -10.07
CA LEU A 254 0.45 -2.57 -9.40
C LEU A 254 1.28 -3.80 -9.81
N PRO A 255 2.60 -3.78 -9.56
CA PRO A 255 3.41 -4.91 -10.01
C PRO A 255 3.05 -6.24 -9.34
N HIS A 256 2.42 -6.23 -8.17
CA HIS A 256 2.00 -7.50 -7.58
C HIS A 256 0.87 -8.14 -8.39
N LEU A 257 0.17 -7.34 -9.20
CA LEU A 257 -0.86 -7.87 -10.10
C LEU A 257 -0.34 -8.13 -11.51
N SER A 258 0.48 -7.22 -12.02
CA SER A 258 0.87 -7.26 -13.43
C SER A 258 2.20 -7.97 -13.67
N ALA A 259 3.12 -7.89 -12.70
CA ALA A 259 4.42 -8.54 -12.84
C ALA A 259 4.80 -9.29 -11.57
N PRO A 260 3.97 -10.26 -11.16
CA PRO A 260 4.18 -10.91 -9.86
C PRO A 260 5.48 -11.70 -9.79
N SER A 261 5.95 -12.20 -10.93
CA SER A 261 7.19 -12.95 -10.98
C SER A 261 8.41 -12.07 -10.73
N LEU A 262 8.49 -10.94 -11.42
CA LEU A 262 9.55 -9.98 -11.17
C LEU A 262 9.54 -9.51 -9.71
N LEU A 263 8.37 -9.16 -9.21
CA LEU A 263 8.26 -8.64 -7.86
C LEU A 263 8.68 -9.66 -6.80
N ALA A 264 8.24 -10.90 -6.98
CA ALA A 264 8.44 -11.95 -5.99
C ALA A 264 9.92 -12.18 -5.67
N GLN A 265 10.77 -12.12 -6.70
CA GLN A 265 12.19 -12.35 -6.51
C GLN A 265 12.81 -11.22 -5.70
N VAL A 266 12.34 -10.00 -5.92
CA VAL A 266 12.81 -8.86 -5.13
C VAL A 266 12.35 -9.02 -3.69
N LEU A 267 11.09 -9.43 -3.49
CA LEU A 267 10.58 -9.64 -2.14
C LEU A 267 11.37 -10.71 -1.40
N ARG A 268 11.73 -11.76 -2.12
CA ARG A 268 12.51 -12.86 -1.53
C ARG A 268 13.83 -12.36 -0.98
N ARG A 269 14.54 -11.56 -1.77
CA ARG A 269 15.83 -11.01 -1.34
C ARG A 269 15.65 -10.07 -0.16
N ALA A 270 14.61 -9.24 -0.22
CA ALA A 270 14.39 -8.22 0.81
C ALA A 270 13.93 -8.82 2.13
N LEU A 271 13.37 -10.02 2.08
CA LEU A 271 12.81 -10.63 3.29
C LEU A 271 13.61 -11.85 3.74
N ALA A 272 14.78 -12.04 3.12
CA ALA A 272 15.64 -13.18 3.44
C ALA A 272 16.19 -13.08 4.87
N ARG A 273 16.53 -11.86 5.29
CA ARG A 273 17.05 -11.64 6.62
C ARG A 273 16.64 -10.26 7.14
N TYR A 274 16.21 -10.21 8.40
CA TYR A 274 15.88 -8.94 9.05
C TYR A 274 15.77 -9.09 10.56
CAG 9GU B . -5.02 6.09 -4.75
CAH 9GU B . -4.31 5.90 -3.39
NAL 9GU B . -2.98 5.36 -3.59
CAM 9GU B . -2.54 4.21 -2.99
OAN 9GU B . -3.19 3.52 -2.20
CAI 9GU B . -2.14 6.10 -4.51
CAJ 9GU B . -2.86 6.27 -5.84
NAK 9GU B . -4.17 6.92 -5.63
CAF 9GU B . -4.69 7.44 -6.84
CAA 9GU B . -4.00 8.30 -7.69
CAB 9GU B . -4.55 8.76 -8.86
CAC 9GU B . -5.81 8.37 -9.22
CAO 9GU B . -6.38 8.88 -10.50
FAQ 9GU B . -6.41 10.22 -10.61
FAR 9GU B . -7.65 8.47 -10.76
FAP 9GU B . -5.68 8.47 -11.58
CAD 9GU B . -6.54 7.52 -8.41
CAE 9GU B . -5.98 7.06 -7.22
#